data_4Y23
#
_entry.id   4Y23
#
_cell.length_a   59.438
_cell.length_b   59.438
_cell.length_c   281.930
_cell.angle_alpha   90.00
_cell.angle_beta   90.00
_cell.angle_gamma   120.00
#
_symmetry.space_group_name_H-M   'P 31 2 1'
#
loop_
_entity.id
_entity.type
_entity.pdbx_description
1 polymer 'Gamma glutamyl transpeptidase,Gamma-glutamyltranspeptidase'
2 non-polymer 'SODIUM ION'
3 water water
#
_entity_poly.entity_id   1
_entity_poly.type   'polypeptide(L)'
_entity_poly.pdbx_seq_one_letter_code
;MRRLAFLVVAFCLAVGCFFSPVSKAEGVMSGGDGDKVAVGKDGMVATAHPLASKIGAEVLKKGGNAIDAAIAIQYALNVT
EPMMSGIGGGGFMMVYDGETKETSIINSRERAPEGAKPDMFLDEDGKVIPFSERSRHGNAVGVPGTLKGLEAAHKKWGTK
KMEDLISPSIKLTEEGFPIDSVLADAIKDHQDKLSKTAAKDIFLPDGEPLKEGDILVQKDMAKTFKLIRKEGSKAFYDGE
IGRAIADVVQDFGGSMTPDDLSRYEVTTDKPIWGEYHGYDIASMPPPSSGGVFMLQMLKLIDDFHLSQYDPKSFEKYHLL
AETMHLSYADRAAYAGDPEFVDVPLRGLLDPDYIKERQKLISLDSMNRDVKEGDPWKYEEGEPNYEIVPQPEDKTIGEAT
HFTVTDQWGNVVSYTTTIEQLFGTGILVPGYGLFLNNELTDFDAIPGGANEVQPNKRPLSSMTPTIVFKDEKPVLTVGSP
GGTTIIASVFQTILNYFEYGMSLQDAIEEPRIYTNSLTSYRYESGMPEDVRRKLNDFGHKFGSNPVDIGNVQSIFIDREN
KTFMGVADSSRNGTAVGVNIKTSAK
;
_entity_poly.pdbx_strand_id   A
#
# COMPACT_ATOMS: atom_id res chain seq x y z
N ASP A 35 15.38 -3.78 16.98
CA ASP A 35 14.23 -4.15 17.78
C ASP A 35 12.94 -3.64 17.14
N LYS A 36 11.80 -4.20 17.56
CA LYS A 36 10.51 -3.85 16.98
C LYS A 36 10.00 -2.50 17.50
N VAL A 37 10.50 -2.08 18.66
CA VAL A 37 10.12 -0.79 19.23
C VAL A 37 11.35 0.03 19.61
N ALA A 38 11.39 1.29 19.19
CA ALA A 38 12.53 2.15 19.50
C ALA A 38 12.08 3.58 19.81
N VAL A 39 12.95 4.34 20.45
CA VAL A 39 12.65 5.73 20.80
C VAL A 39 13.81 6.65 20.40
N GLY A 40 13.49 7.78 19.77
CA GLY A 40 14.49 8.74 19.37
C GLY A 40 14.10 10.14 19.80
N LYS A 41 14.98 11.11 19.57
CA LYS A 41 14.68 12.50 19.92
C LYS A 41 14.81 13.43 18.73
N ASP A 42 15.73 13.12 17.83
CA ASP A 42 15.97 13.97 16.67
C ASP A 42 15.48 13.34 15.36
N GLY A 43 15.27 12.03 15.37
CA GLY A 43 14.78 11.34 14.18
C GLY A 43 14.17 9.99 14.48
N MET A 44 13.36 9.49 13.55
CA MET A 44 12.74 8.18 13.71
C MET A 44 12.43 7.54 12.35
N VAL A 45 12.74 6.25 12.23
CA VAL A 45 12.50 5.52 11.00
C VAL A 45 11.82 4.17 11.26
N ALA A 46 10.75 3.88 10.56
CA ALA A 46 10.07 2.59 10.69
C ALA A 46 9.87 1.95 9.32
N THR A 47 10.56 0.84 9.08
CA THR A 47 10.46 0.15 7.80
C THR A 47 10.22 -1.34 7.98
N ALA A 48 10.07 -2.05 6.86
CA ALA A 48 9.76 -3.49 6.89
C ALA A 48 11.03 -4.34 6.90
N HIS A 49 12.16 -3.74 6.53
CA HIS A 49 13.42 -4.46 6.50
C HIS A 49 14.49 -3.69 7.26
N PRO A 50 15.19 -4.36 8.20
CA PRO A 50 16.17 -3.76 9.12
C PRO A 50 17.28 -2.98 8.42
N LEU A 51 17.78 -3.49 7.30
CA LEU A 51 18.84 -2.81 6.56
C LEU A 51 18.37 -1.46 6.05
N ALA A 52 17.16 -1.43 5.49
CA ALA A 52 16.57 -0.18 5.02
C ALA A 52 16.40 0.80 6.17
N SER A 53 16.03 0.27 7.34
CA SER A 53 15.86 1.08 8.54
C SER A 53 17.18 1.74 8.94
N LYS A 54 18.23 0.94 9.04
CA LYS A 54 19.54 1.46 9.43
C LYS A 54 20.11 2.42 8.38
N ILE A 55 19.76 2.19 7.12
CA ILE A 55 20.19 3.08 6.04
C ILE A 55 19.51 4.45 6.15
N GLY A 56 18.19 4.45 6.26
CA GLY A 56 17.45 5.69 6.42
C GLY A 56 17.87 6.43 7.67
N ALA A 57 18.10 5.68 8.74
CA ALA A 57 18.58 6.23 9.99
C ALA A 57 19.95 6.88 9.81
N GLU A 58 20.79 6.25 8.98
CA GLU A 58 22.09 6.82 8.66
C GLU A 58 21.92 8.13 7.91
N VAL A 59 21.01 8.15 6.95
CA VAL A 59 20.71 9.37 6.18
C VAL A 59 20.31 10.50 7.11
N LEU A 60 19.42 10.19 8.07
CA LEU A 60 19.02 11.17 9.08
C LEU A 60 20.18 11.58 9.97
N LYS A 61 21.11 10.65 10.18
CA LYS A 61 22.19 10.84 11.15
C LYS A 61 23.22 11.88 10.71
N LYS A 62 23.47 11.97 9.40
CA LYS A 62 24.47 12.91 8.90
C LYS A 62 23.84 14.14 8.26
N GLY A 63 22.67 14.54 8.77
CA GLY A 63 22.08 15.81 8.40
C GLY A 63 20.95 15.76 7.38
N GLY A 64 20.66 14.58 6.85
CA GLY A 64 19.58 14.43 5.89
C GLY A 64 18.23 14.60 6.54
N ASN A 65 17.20 14.87 5.73
CA ASN A 65 15.86 15.01 6.25
C ASN A 65 15.03 13.75 6.04
N ALA A 66 13.72 13.86 6.24
CA ALA A 66 12.83 12.70 6.15
C ALA A 66 12.65 12.24 4.70
N ILE A 67 12.76 13.16 3.76
CA ILE A 67 12.54 12.85 2.35
C ILE A 67 13.75 12.10 1.75
N ASP A 68 14.95 12.60 2.03
CA ASP A 68 16.17 11.91 1.63
C ASP A 68 16.16 10.48 2.13
N ALA A 69 15.85 10.35 3.42
CA ALA A 69 15.75 9.06 4.07
C ALA A 69 14.68 8.19 3.39
N ALA A 70 13.56 8.81 3.02
CA ALA A 70 12.48 8.08 2.36
C ALA A 70 12.94 7.50 1.03
N ILE A 71 13.71 8.27 0.27
CA ILE A 71 14.24 7.83 -1.01
C ILE A 71 15.23 6.68 -0.83
N ALA A 72 16.21 6.89 0.05
CA ALA A 72 17.20 5.85 0.34
C ALA A 72 16.53 4.55 0.78
N ILE A 73 15.51 4.69 1.62
CA ILE A 73 14.73 3.55 2.10
C ILE A 73 14.01 2.88 0.94
N GLN A 74 13.50 3.67 0.00
CA GLN A 74 12.82 3.12 -1.16
C GLN A 74 13.77 2.23 -1.96
N TYR A 75 14.99 2.71 -2.20
CA TYR A 75 15.98 1.92 -2.92
C TYR A 75 16.37 0.66 -2.15
N ALA A 76 16.60 0.81 -0.84
CA ALA A 76 16.98 -0.31 0.00
C ALA A 76 15.89 -1.38 0.04
N LEU A 77 14.64 -0.94 -0.06
CA LEU A 77 13.50 -1.85 -0.10
C LEU A 77 13.42 -2.51 -1.47
N ASN A 78 13.83 -1.78 -2.50
CA ASN A 78 13.95 -2.37 -3.83
C ASN A 78 14.94 -3.53 -3.81
N VAL A 79 16.04 -3.34 -3.08
CA VAL A 79 17.08 -4.36 -2.98
C VAL A 79 16.67 -5.55 -2.11
N THR A 80 16.34 -5.28 -0.85
CA THR A 80 16.13 -6.34 0.14
C THR A 80 14.75 -7.00 0.02
N GLU A 81 13.76 -6.26 -0.45
CA GLU A 81 12.42 -6.81 -0.63
C GLU A 81 11.87 -6.48 -2.01
N PRO A 82 12.39 -7.17 -3.04
CA PRO A 82 12.07 -6.87 -4.44
C PRO A 82 10.68 -7.33 -4.88
N MET A 83 9.99 -8.07 -4.02
CA MET A 83 8.68 -8.59 -4.37
C MET A 83 7.54 -7.67 -3.95
N MET A 84 7.87 -6.68 -3.13
CA MET A 84 6.86 -5.79 -2.57
C MET A 84 6.85 -4.42 -3.23
N SER A 85 8.01 -3.80 -3.33
CA SER A 85 8.14 -2.47 -3.91
C SER A 85 9.26 -2.41 -4.94
N GLY A 86 9.23 -1.40 -5.80
CA GLY A 86 10.26 -1.24 -6.81
C GLY A 86 10.14 -0.02 -7.69
N ILE A 87 11.14 0.20 -8.53
CA ILE A 87 11.10 1.27 -9.52
C ILE A 87 10.37 0.76 -10.76
N GLY A 88 9.87 -0.47 -10.68
CA GLY A 88 9.03 -1.04 -11.72
C GLY A 88 7.59 -1.07 -11.24
N GLY A 89 7.31 -0.32 -10.18
CA GLY A 89 5.97 -0.22 -9.64
C GLY A 89 5.57 1.21 -9.35
N GLY A 90 4.79 1.41 -8.29
CA GLY A 90 4.33 2.74 -7.91
C GLY A 90 3.73 2.76 -6.52
N GLY A 91 3.50 3.97 -5.99
CA GLY A 91 2.93 4.09 -4.66
C GLY A 91 2.41 5.47 -4.33
N PHE A 92 1.92 5.64 -3.10
CA PHE A 92 1.44 6.92 -2.63
C PHE A 92 2.31 7.42 -1.48
N MET A 93 2.91 8.59 -1.68
CA MET A 93 3.84 9.16 -0.71
C MET A 93 3.27 10.39 -0.03
N MET A 94 2.77 10.23 1.19
CA MET A 94 2.21 11.35 1.93
C MET A 94 3.31 12.11 2.68
N VAL A 95 3.43 13.40 2.39
CA VAL A 95 4.45 14.23 3.01
C VAL A 95 3.85 15.47 3.69
N TYR A 96 4.17 15.62 4.97
CA TYR A 96 3.85 16.82 5.73
C TYR A 96 5.07 17.72 5.78
N ASP A 97 4.96 18.88 5.13
CA ASP A 97 6.04 19.85 5.04
C ASP A 97 6.21 20.58 6.37
N GLY A 98 7.47 20.70 6.80
CA GLY A 98 7.76 21.35 8.06
C GLY A 98 7.75 22.87 7.97
N GLU A 99 8.04 23.38 6.78
CA GLU A 99 8.13 24.83 6.58
C GLU A 99 6.77 25.44 6.25
N THR A 100 6.15 24.96 5.19
CA THR A 100 4.88 25.49 4.73
C THR A 100 3.71 24.95 5.55
N LYS A 101 3.98 23.95 6.37
CA LYS A 101 2.98 23.31 7.22
C LYS A 101 1.85 22.68 6.40
N GLU A 102 2.15 22.34 5.16
CA GLU A 102 1.15 21.77 4.26
C GLU A 102 1.36 20.28 4.05
N THR A 103 0.26 19.54 3.92
CA THR A 103 0.32 18.10 3.67
C THR A 103 -0.03 17.81 2.21
N SER A 104 0.92 17.29 1.46
CA SER A 104 0.68 16.95 0.06
C SER A 104 1.04 15.51 -0.22
N ILE A 105 0.55 14.98 -1.34
CA ILE A 105 0.79 13.58 -1.67
C ILE A 105 1.43 13.41 -3.04
N ILE A 106 2.60 12.80 -3.07
CA ILE A 106 3.23 12.39 -4.31
C ILE A 106 2.54 11.12 -4.80
N ASN A 107 1.70 11.28 -5.81
CA ASN A 107 0.99 10.18 -6.43
C ASN A 107 1.79 9.65 -7.61
N SER A 108 2.34 8.46 -7.43
CA SER A 108 3.13 7.78 -8.44
C SER A 108 2.46 6.48 -8.86
N ARG A 109 1.14 6.48 -8.92
CA ARG A 109 0.38 5.32 -9.36
C ARG A 109 0.66 5.04 -10.82
N GLU A 110 0.68 3.76 -11.19
CA GLU A 110 0.95 3.36 -12.56
C GLU A 110 -0.22 3.69 -13.47
N ARG A 111 0.07 4.07 -14.70
CA ARG A 111 -0.96 4.32 -15.69
C ARG A 111 -0.97 3.19 -16.71
N ALA A 112 -2.12 2.97 -17.34
CA ALA A 112 -2.20 1.97 -18.40
C ALA A 112 -1.65 2.60 -19.68
N PRO A 113 -1.06 1.77 -20.56
CA PRO A 113 -0.66 2.31 -21.86
C PRO A 113 -1.88 2.72 -22.67
N GLU A 114 -1.71 3.56 -23.68
CA GLU A 114 -2.84 3.97 -24.51
C GLU A 114 -3.21 2.87 -25.51
N GLY A 115 -2.45 1.77 -25.47
CA GLY A 115 -2.76 0.60 -26.26
C GLY A 115 -3.62 -0.37 -25.47
N ALA A 116 -3.89 -0.03 -24.21
CA ALA A 116 -4.72 -0.86 -23.34
C ALA A 116 -6.20 -0.66 -23.63
N LYS A 117 -6.96 -1.75 -23.56
CA LYS A 117 -8.37 -1.72 -23.90
C LYS A 117 -9.22 -2.27 -22.74
N PRO A 118 -10.48 -1.81 -22.64
CA PRO A 118 -11.38 -2.26 -21.57
C PRO A 118 -11.53 -3.77 -21.47
N ASP A 119 -11.67 -4.44 -22.63
CA ASP A 119 -11.90 -5.87 -22.64
C ASP A 119 -10.60 -6.67 -22.82
N MET A 120 -9.47 -6.09 -22.41
CA MET A 120 -8.19 -6.76 -22.55
C MET A 120 -8.02 -7.83 -21.49
N PHE A 121 -8.95 -7.87 -20.54
CA PHE A 121 -8.95 -8.91 -19.51
C PHE A 121 -10.02 -9.96 -19.84
N LEU A 122 -10.51 -9.92 -21.08
CA LEU A 122 -11.48 -10.89 -21.56
C LEU A 122 -10.95 -11.61 -22.79
N ASP A 123 -11.35 -12.87 -22.95
CA ASP A 123 -10.94 -13.65 -24.11
C ASP A 123 -11.84 -13.38 -25.30
N GLU A 124 -11.70 -14.18 -26.36
CA GLU A 124 -12.51 -14.02 -27.55
C GLU A 124 -13.94 -14.52 -27.33
N ASP A 125 -14.15 -15.22 -26.23
CA ASP A 125 -15.46 -15.76 -25.91
C ASP A 125 -16.21 -14.88 -24.92
N GLY A 126 -15.57 -13.79 -24.52
CA GLY A 126 -16.21 -12.80 -23.66
C GLY A 126 -16.35 -13.20 -22.21
N LYS A 127 -15.44 -14.04 -21.74
CA LYS A 127 -15.44 -14.44 -20.33
C LYS A 127 -14.09 -14.17 -19.68
N VAL A 128 -14.10 -13.98 -18.37
CA VAL A 128 -12.94 -13.50 -17.63
C VAL A 128 -11.76 -14.47 -17.64
N ILE A 129 -10.62 -13.97 -18.12
CA ILE A 129 -9.37 -14.71 -18.03
C ILE A 129 -9.00 -14.90 -16.55
N PRO A 130 -8.70 -16.14 -16.16
CA PRO A 130 -8.35 -16.44 -14.76
C PRO A 130 -7.22 -15.56 -14.25
N PHE A 131 -7.28 -15.22 -12.97
CA PHE A 131 -6.31 -14.31 -12.35
C PHE A 131 -4.89 -14.85 -12.44
N SER A 132 -4.76 -16.17 -12.47
CA SER A 132 -3.46 -16.82 -12.54
C SER A 132 -2.72 -16.46 -13.83
N GLU A 133 -3.48 -16.28 -14.91
CA GLU A 133 -2.89 -15.89 -16.19
C GLU A 133 -2.82 -14.37 -16.33
N ARG A 134 -3.79 -13.68 -15.74
CA ARG A 134 -3.83 -12.21 -15.78
C ARG A 134 -2.66 -11.61 -15.03
N SER A 135 -2.34 -12.21 -13.87
CA SER A 135 -1.27 -11.70 -13.00
C SER A 135 0.10 -11.70 -13.67
N ARG A 136 0.28 -12.58 -14.65
CA ARG A 136 1.60 -12.76 -15.25
C ARG A 136 1.68 -12.24 -16.67
N HIS A 137 0.55 -11.79 -17.21
CA HIS A 137 0.53 -11.37 -18.61
C HIS A 137 1.11 -9.99 -18.80
N GLY A 138 1.51 -9.73 -20.04
CA GLY A 138 1.92 -8.42 -20.48
C GLY A 138 0.98 -7.26 -20.27
N ASN A 139 -0.34 -7.42 -20.35
CA ASN A 139 -1.11 -6.20 -20.29
C ASN A 139 -1.34 -5.80 -18.84
N ALA A 140 -0.97 -6.69 -17.93
CA ALA A 140 -1.12 -6.38 -16.51
C ALA A 140 -0.12 -5.33 -16.07
N VAL A 141 0.96 -5.20 -16.82
CA VAL A 141 2.01 -4.24 -16.48
C VAL A 141 1.59 -2.81 -16.78
N GLY A 142 1.72 -1.94 -15.78
CA GLY A 142 1.45 -0.53 -15.95
C GLY A 142 2.75 0.27 -15.96
N VAL A 143 2.67 1.53 -16.40
CA VAL A 143 3.83 2.42 -16.44
C VAL A 143 4.37 2.69 -15.04
N PRO A 144 5.59 2.20 -14.74
CA PRO A 144 6.22 2.42 -13.42
C PRO A 144 6.35 3.90 -13.10
N GLY A 145 5.95 4.29 -11.89
CA GLY A 145 5.95 5.69 -11.52
C GLY A 145 6.77 6.04 -10.30
N THR A 146 7.30 5.01 -9.63
CA THR A 146 8.06 5.19 -8.40
C THR A 146 9.24 6.14 -8.56
N LEU A 147 10.07 5.89 -9.56
CA LEU A 147 11.30 6.66 -9.76
C LEU A 147 11.03 8.15 -9.99
N LYS A 148 9.99 8.44 -10.78
CA LYS A 148 9.63 9.83 -11.04
C LYS A 148 9.06 10.48 -9.78
N GLY A 149 8.41 9.67 -8.94
CA GLY A 149 7.94 10.14 -7.66
C GLY A 149 9.10 10.54 -6.78
N LEU A 150 10.13 9.71 -6.77
CA LEU A 150 11.35 10.00 -6.03
C LEU A 150 12.04 11.25 -6.58
N GLU A 151 11.96 11.43 -7.90
CA GLU A 151 12.51 12.62 -8.54
C GLU A 151 11.79 13.88 -8.06
N ALA A 152 10.47 13.85 -8.07
CA ALA A 152 9.66 14.98 -7.64
C ALA A 152 9.90 15.30 -6.16
N ALA A 153 9.94 14.26 -5.33
CA ALA A 153 10.17 14.42 -3.91
C ALA A 153 11.56 15.01 -3.64
N HIS A 154 12.55 14.57 -4.42
CA HIS A 154 13.92 15.06 -4.26
C HIS A 154 14.07 16.48 -4.76
N LYS A 155 13.28 16.87 -5.74
CA LYS A 155 13.37 18.22 -6.29
C LYS A 155 12.50 19.21 -5.52
N LYS A 156 11.59 18.70 -4.68
CA LYS A 156 10.80 19.59 -3.85
C LYS A 156 11.38 19.73 -2.44
N TRP A 157 11.70 18.61 -1.81
CA TRP A 157 12.19 18.65 -0.43
C TRP A 157 13.56 18.01 -0.23
N GLY A 158 14.21 17.60 -1.32
CA GLY A 158 15.50 16.94 -1.24
C GLY A 158 16.62 17.89 -0.89
N THR A 159 17.51 17.46 0.00
CA THR A 159 18.63 18.29 0.45
C THR A 159 19.98 17.61 0.24
N LYS A 160 19.97 16.31 -0.01
CA LYS A 160 21.20 15.57 -0.25
C LYS A 160 21.24 14.97 -1.65
N LYS A 161 22.46 14.78 -2.16
CA LYS A 161 22.66 14.22 -3.50
C LYS A 161 22.10 12.80 -3.57
N MET A 162 21.30 12.53 -4.59
CA MET A 162 20.67 11.23 -4.75
C MET A 162 21.70 10.13 -4.99
N GLU A 163 22.90 10.55 -5.38
CA GLU A 163 24.03 9.63 -5.51
C GLU A 163 24.29 8.95 -4.17
N ASP A 164 24.39 9.75 -3.12
CA ASP A 164 24.59 9.26 -1.77
C ASP A 164 23.40 8.42 -1.31
N LEU A 165 22.22 8.75 -1.81
CA LEU A 165 21.00 8.07 -1.42
C LEU A 165 20.82 6.72 -2.10
N ILE A 166 21.51 6.52 -3.23
CA ILE A 166 21.33 5.30 -4.01
C ILE A 166 22.55 4.37 -3.89
N SER A 167 23.70 4.92 -3.51
CA SER A 167 24.92 4.13 -3.36
C SER A 167 24.82 2.90 -2.44
N PRO A 168 24.23 3.05 -1.24
CA PRO A 168 24.17 1.87 -0.35
C PRO A 168 23.39 0.70 -0.95
N SER A 169 22.34 1.02 -1.70
CA SER A 169 21.55 -0.01 -2.36
C SER A 169 22.35 -0.67 -3.49
N ILE A 170 23.12 0.15 -4.19
CA ILE A 170 24.00 -0.34 -5.24
C ILE A 170 24.98 -1.36 -4.68
N LYS A 171 25.63 -1.01 -3.57
CA LYS A 171 26.59 -1.91 -2.96
C LYS A 171 25.92 -3.06 -2.21
N LEU A 172 24.62 -2.94 -1.96
CA LEU A 172 23.86 -4.03 -1.37
C LEU A 172 23.49 -5.07 -2.43
N THR A 173 23.29 -4.61 -3.66
CA THR A 173 23.01 -5.52 -4.77
C THR A 173 24.28 -6.11 -5.36
N GLU A 174 25.37 -5.35 -5.28
CA GLU A 174 26.64 -5.78 -5.85
C GLU A 174 27.34 -6.80 -4.95
N GLU A 175 27.39 -6.51 -3.66
CA GLU A 175 28.11 -7.35 -2.71
C GLU A 175 27.20 -8.37 -2.04
N GLY A 176 25.90 -8.22 -2.25
CA GLY A 176 24.93 -9.17 -1.72
C GLY A 176 24.54 -8.93 -0.28
N PHE A 177 23.59 -9.71 0.21
CA PHE A 177 23.11 -9.60 1.58
C PHE A 177 22.41 -10.88 2.01
N PRO A 178 22.43 -11.20 3.32
CA PRO A 178 21.72 -12.38 3.80
C PRO A 178 20.22 -12.11 3.95
N ILE A 179 19.40 -12.91 3.27
CA ILE A 179 17.97 -12.66 3.19
C ILE A 179 17.24 -13.00 4.49
N ASP A 180 16.03 -12.46 4.62
CA ASP A 180 15.19 -12.73 5.78
C ASP A 180 14.19 -13.84 5.46
N SER A 181 13.38 -14.21 6.45
CA SER A 181 12.42 -15.30 6.30
C SER A 181 11.30 -14.96 5.31
N VAL A 182 10.92 -13.69 5.28
CA VAL A 182 9.85 -13.24 4.40
C VAL A 182 10.21 -13.45 2.93
N LEU A 183 11.42 -13.03 2.56
CA LEU A 183 11.92 -13.17 1.20
C LEU A 183 11.98 -14.65 0.79
N ALA A 184 12.59 -15.47 1.64
CA ALA A 184 12.73 -16.90 1.38
C ALA A 184 11.37 -17.57 1.19
N ASP A 185 10.46 -17.30 2.11
CA ASP A 185 9.11 -17.86 2.05
C ASP A 185 8.39 -17.42 0.78
N ALA A 186 8.59 -16.16 0.40
CA ALA A 186 7.98 -15.62 -0.80
C ALA A 186 8.50 -16.31 -2.07
N ILE A 187 9.81 -16.54 -2.11
CA ILE A 187 10.42 -17.24 -3.24
C ILE A 187 9.91 -18.67 -3.33
N LYS A 188 9.90 -19.37 -2.20
CA LYS A 188 9.44 -20.75 -2.14
C LYS A 188 7.95 -20.88 -2.51
N ASP A 189 7.15 -19.88 -2.14
CA ASP A 189 5.73 -19.94 -2.44
C ASP A 189 5.43 -19.54 -3.89
N HIS A 190 6.40 -18.92 -4.56
CA HIS A 190 6.20 -18.42 -5.92
C HIS A 190 7.26 -18.90 -6.87
N GLN A 191 7.55 -20.19 -6.84
CA GLN A 191 8.73 -20.68 -7.56
C GLN A 191 8.28 -20.79 -9.00
N ASP A 192 7.00 -21.16 -9.15
CA ASP A 192 6.37 -21.46 -10.44
C ASP A 192 6.27 -20.22 -11.29
N LYS A 193 5.92 -19.08 -10.67
CA LYS A 193 5.82 -17.83 -11.40
C LYS A 193 7.20 -17.34 -11.82
N LEU A 194 8.19 -17.56 -10.96
CA LEU A 194 9.56 -17.14 -11.23
C LEU A 194 10.26 -18.07 -12.21
N SER A 195 9.70 -19.26 -12.40
CA SER A 195 10.34 -20.29 -13.21
C SER A 195 10.03 -20.16 -14.70
N LYS A 196 9.47 -19.02 -15.09
CA LYS A 196 9.15 -18.79 -16.48
C LYS A 196 9.69 -17.44 -16.96
N THR A 197 10.39 -16.74 -16.08
CA THR A 197 10.97 -15.45 -16.43
C THR A 197 12.48 -15.45 -16.21
N ALA A 198 13.12 -14.30 -16.37
CA ALA A 198 14.56 -14.21 -16.24
C ALA A 198 15.01 -14.16 -14.78
N ALA A 199 14.11 -14.53 -13.87
CA ALA A 199 14.37 -14.41 -12.44
C ALA A 199 14.94 -15.70 -11.84
N LYS A 200 14.84 -16.81 -12.57
CA LYS A 200 15.28 -18.10 -12.05
C LYS A 200 16.77 -18.10 -11.71
N ASP A 201 17.61 -17.78 -12.69
CA ASP A 201 19.06 -17.83 -12.51
C ASP A 201 19.58 -16.94 -11.38
N ILE A 202 18.70 -16.14 -10.79
CA ILE A 202 19.04 -15.30 -9.65
C ILE A 202 18.45 -15.86 -8.35
N PHE A 203 17.18 -16.23 -8.40
CA PHE A 203 16.47 -16.68 -7.20
C PHE A 203 16.34 -18.20 -7.13
N LEU A 204 16.44 -18.86 -8.28
CA LEU A 204 16.41 -20.33 -8.33
C LEU A 204 17.65 -20.84 -9.06
N PRO A 205 18.83 -20.78 -8.41
CA PRO A 205 20.13 -21.09 -9.00
C PRO A 205 20.16 -22.38 -9.84
N ASP A 206 19.83 -23.51 -9.21
CA ASP A 206 19.82 -24.78 -9.91
C ASP A 206 18.41 -25.38 -9.93
N GLY A 207 17.45 -24.62 -9.43
CA GLY A 207 16.08 -25.08 -9.30
C GLY A 207 15.64 -25.02 -7.84
N GLU A 208 16.60 -24.76 -6.96
CA GLU A 208 16.34 -24.65 -5.54
C GLU A 208 16.20 -23.18 -5.13
N PRO A 209 15.09 -22.85 -4.44
CA PRO A 209 14.91 -21.48 -3.96
C PRO A 209 15.87 -21.16 -2.81
N LEU A 210 16.31 -19.92 -2.75
CA LEU A 210 17.23 -19.49 -1.70
C LEU A 210 16.54 -19.49 -0.34
N LYS A 211 17.09 -20.26 0.59
CA LYS A 211 16.53 -20.35 1.93
C LYS A 211 17.02 -19.22 2.82
N GLU A 212 16.48 -19.12 4.04
CA GLU A 212 16.87 -18.08 4.96
C GLU A 212 18.35 -18.19 5.35
N GLY A 213 19.08 -17.10 5.20
CA GLY A 213 20.50 -17.08 5.48
C GLY A 213 21.32 -17.04 4.21
N ASP A 214 20.73 -17.50 3.11
CA ASP A 214 21.40 -17.47 1.81
C ASP A 214 21.62 -16.03 1.37
N ILE A 215 22.71 -15.80 0.64
CA ILE A 215 23.05 -14.47 0.18
C ILE A 215 22.47 -14.19 -1.20
N LEU A 216 21.80 -13.05 -1.34
CA LEU A 216 21.19 -12.66 -2.61
C LEU A 216 22.05 -11.63 -3.33
N VAL A 217 22.59 -12.02 -4.47
CA VAL A 217 23.41 -11.13 -5.28
C VAL A 217 22.66 -10.69 -6.54
N GLN A 218 22.56 -9.38 -6.74
CA GLN A 218 21.85 -8.84 -7.90
C GLN A 218 22.74 -7.87 -8.67
N LYS A 219 23.57 -8.43 -9.55
CA LYS A 219 24.52 -7.63 -10.33
C LYS A 219 23.82 -6.71 -11.33
N ASP A 220 22.84 -7.24 -12.04
CA ASP A 220 22.11 -6.48 -13.05
C ASP A 220 21.33 -5.32 -12.43
N MET A 221 20.73 -5.58 -11.27
CA MET A 221 20.03 -4.55 -10.51
C MET A 221 21.00 -3.43 -10.15
N ALA A 222 22.19 -3.82 -9.71
CA ALA A 222 23.25 -2.87 -9.39
C ALA A 222 23.63 -2.04 -10.61
N LYS A 223 23.65 -2.70 -11.77
CA LYS A 223 23.95 -2.02 -13.02
C LYS A 223 22.90 -0.95 -13.33
N THR A 224 21.63 -1.32 -13.16
CA THR A 224 20.53 -0.39 -13.38
C THR A 224 20.63 0.80 -12.43
N PHE A 225 20.91 0.52 -11.15
CA PHE A 225 21.05 1.56 -10.15
C PHE A 225 22.21 2.50 -10.45
N LYS A 226 23.32 1.95 -10.94
CA LYS A 226 24.48 2.75 -11.31
C LYS A 226 24.17 3.64 -12.51
N LEU A 227 23.48 3.07 -13.49
CA LEU A 227 23.07 3.82 -14.68
C LEU A 227 22.15 4.97 -14.32
N ILE A 228 21.22 4.72 -13.40
CA ILE A 228 20.33 5.76 -12.91
C ILE A 228 21.12 6.81 -12.12
N ARG A 229 22.16 6.35 -11.42
CA ARG A 229 23.04 7.27 -10.71
C ARG A 229 23.77 8.19 -11.70
N LYS A 230 24.04 7.67 -12.89
CA LYS A 230 24.74 8.44 -13.91
C LYS A 230 23.81 9.41 -14.65
N GLU A 231 22.80 8.88 -15.34
CA GLU A 231 21.99 9.70 -16.24
C GLU A 231 20.72 10.24 -15.60
N GLY A 232 20.33 9.66 -14.47
CA GLY A 232 19.13 10.08 -13.78
C GLY A 232 17.88 9.36 -14.27
N SER A 233 16.73 10.00 -14.12
CA SER A 233 15.46 9.43 -14.57
C SER A 233 15.41 9.31 -16.10
N LYS A 234 16.27 10.08 -16.75
CA LYS A 234 16.39 10.08 -18.21
C LYS A 234 16.63 8.68 -18.77
N ALA A 235 17.51 7.92 -18.11
CA ALA A 235 17.85 6.59 -18.57
C ALA A 235 16.69 5.62 -18.44
N PHE A 236 15.77 5.91 -17.53
CA PHE A 236 14.63 5.04 -17.30
C PHE A 236 13.47 5.37 -18.24
N TYR A 237 13.13 6.65 -18.35
CA TYR A 237 11.94 7.05 -19.10
C TYR A 237 12.24 7.47 -20.52
N ASP A 238 13.51 7.69 -20.84
CA ASP A 238 13.92 8.07 -22.20
C ASP A 238 15.24 7.41 -22.58
N GLY A 239 15.53 6.26 -21.98
CA GLY A 239 16.78 5.58 -22.22
C GLY A 239 16.65 4.11 -22.55
N GLU A 240 17.72 3.36 -22.32
CA GLU A 240 17.77 1.93 -22.66
C GLU A 240 16.84 1.10 -21.80
N ILE A 241 16.75 1.43 -20.52
CA ILE A 241 15.93 0.70 -19.56
C ILE A 241 14.47 0.69 -20.02
N GLY A 242 14.00 1.86 -20.46
CA GLY A 242 12.64 2.02 -20.91
C GLY A 242 12.29 1.11 -22.08
N ARG A 243 13.09 1.19 -23.14
CA ARG A 243 12.88 0.37 -24.32
C ARG A 243 12.98 -1.11 -23.98
N ALA A 244 13.88 -1.45 -23.06
CA ALA A 244 14.03 -2.84 -22.62
C ALA A 244 12.74 -3.33 -21.97
N ILE A 245 12.23 -2.55 -21.02
CA ILE A 245 10.96 -2.84 -20.36
C ILE A 245 9.85 -3.00 -21.40
N ALA A 246 9.84 -2.11 -22.38
CA ALA A 246 8.85 -2.16 -23.45
C ALA A 246 8.92 -3.48 -24.20
N ASP A 247 10.13 -3.84 -24.65
CA ASP A 247 10.32 -5.08 -25.41
C ASP A 247 9.89 -6.28 -24.60
N VAL A 248 10.35 -6.41 -23.36
CA VAL A 248 9.97 -7.58 -22.55
C VAL A 248 8.46 -7.61 -22.28
N VAL A 249 7.83 -6.44 -22.17
CA VAL A 249 6.39 -6.38 -21.96
C VAL A 249 5.63 -6.87 -23.20
N GLN A 250 6.03 -6.36 -24.36
CA GLN A 250 5.42 -6.76 -25.63
C GLN A 250 5.65 -8.25 -25.92
N ASP A 251 6.83 -8.74 -25.56
CA ASP A 251 7.16 -10.15 -25.69
C ASP A 251 6.28 -11.02 -24.80
N PHE A 252 5.77 -10.44 -23.71
CA PHE A 252 4.85 -11.14 -22.83
C PHE A 252 3.39 -10.85 -23.19
N GLY A 253 3.18 -10.16 -24.30
CA GLY A 253 1.84 -9.91 -24.80
C GLY A 253 1.32 -8.52 -24.51
N GLY A 254 2.18 -7.65 -23.99
CA GLY A 254 1.79 -6.30 -23.66
C GLY A 254 1.67 -5.39 -24.87
N SER A 255 1.15 -4.19 -24.65
CA SER A 255 0.95 -3.23 -25.73
C SER A 255 1.58 -1.88 -25.41
N MET A 256 2.50 -1.87 -24.46
CA MET A 256 3.15 -0.63 -24.02
C MET A 256 4.32 -0.27 -24.92
N THR A 257 4.42 1.03 -25.24
CA THR A 257 5.50 1.55 -26.09
C THR A 257 6.40 2.46 -25.27
N PRO A 258 7.62 2.75 -25.77
CA PRO A 258 8.47 3.72 -25.08
C PRO A 258 7.82 5.10 -24.98
N ASP A 259 6.96 5.42 -25.94
CA ASP A 259 6.21 6.67 -25.92
C ASP A 259 5.29 6.74 -24.70
N ASP A 260 4.81 5.59 -24.25
CA ASP A 260 3.98 5.51 -23.06
C ASP A 260 4.77 5.90 -21.81
N LEU A 261 6.02 5.44 -21.76
CA LEU A 261 6.93 5.79 -20.67
C LEU A 261 7.30 7.27 -20.68
N SER A 262 7.68 7.77 -21.85
CA SER A 262 8.10 9.16 -21.98
C SER A 262 6.93 10.14 -21.83
N ARG A 263 5.71 9.60 -21.81
CA ARG A 263 4.51 10.42 -21.68
C ARG A 263 4.06 10.51 -20.22
N TYR A 264 4.74 9.77 -19.35
CA TYR A 264 4.30 9.64 -17.96
C TYR A 264 4.81 10.77 -17.06
N GLU A 265 3.92 11.24 -16.19
CA GLU A 265 4.27 12.20 -15.15
C GLU A 265 3.49 11.88 -13.87
N VAL A 266 4.15 12.01 -12.73
CA VAL A 266 3.48 11.80 -11.45
C VAL A 266 2.52 12.96 -11.19
N THR A 267 1.65 12.81 -10.20
CA THR A 267 0.74 13.89 -9.85
C THR A 267 0.86 14.25 -8.37
N THR A 268 0.32 15.40 -7.99
CA THR A 268 0.32 15.81 -6.60
C THR A 268 -1.11 15.98 -6.11
N ASP A 269 -1.46 15.28 -5.04
CA ASP A 269 -2.84 15.28 -4.55
C ASP A 269 -2.96 15.86 -3.14
N LYS A 270 -4.05 16.60 -2.93
CA LYS A 270 -4.42 17.07 -1.60
C LYS A 270 -5.19 15.95 -0.90
N PRO A 271 -4.77 15.58 0.32
CA PRO A 271 -5.34 14.47 1.07
C PRO A 271 -6.84 14.59 1.31
N ILE A 272 -7.49 13.48 1.59
CA ILE A 272 -8.89 13.50 2.02
C ILE A 272 -8.92 13.63 3.55
N TRP A 273 -9.81 14.48 4.04
CA TRP A 273 -9.83 14.79 5.47
C TRP A 273 -11.08 14.30 6.18
N GLY A 274 -10.88 13.75 7.38
CA GLY A 274 -11.97 13.37 8.24
C GLY A 274 -11.67 13.84 9.65
N GLU A 275 -12.59 13.61 10.58
CA GLU A 275 -12.33 13.95 11.98
C GLU A 275 -12.88 12.88 12.91
N TYR A 276 -12.04 12.44 13.84
CA TYR A 276 -12.38 11.33 14.71
C TYR A 276 -11.88 11.59 16.13
N HIS A 277 -12.82 11.61 17.07
CA HIS A 277 -12.54 11.83 18.49
C HIS A 277 -11.66 13.05 18.77
N GLY A 278 -11.82 14.09 17.97
CA GLY A 278 -11.11 15.33 18.18
C GLY A 278 -9.84 15.47 17.37
N TYR A 279 -9.53 14.46 16.56
CA TYR A 279 -8.33 14.50 15.73
C TYR A 279 -8.68 14.65 14.25
N ASP A 280 -7.82 15.34 13.50
CA ASP A 280 -8.03 15.48 12.05
C ASP A 280 -7.22 14.44 11.29
N ILE A 281 -7.91 13.60 10.53
CA ILE A 281 -7.25 12.52 9.80
C ILE A 281 -7.07 12.86 8.32
N ALA A 282 -5.83 12.75 7.85
CA ALA A 282 -5.52 12.98 6.44
C ALA A 282 -5.09 11.69 5.77
N SER A 283 -5.75 11.34 4.67
CA SER A 283 -5.48 10.07 3.99
C SER A 283 -5.53 10.20 2.47
N MET A 284 -5.49 9.05 1.79
CA MET A 284 -5.46 9.01 0.33
C MET A 284 -6.84 9.02 -0.31
N PRO A 285 -7.08 9.98 -1.21
CA PRO A 285 -8.29 10.10 -2.02
C PRO A 285 -8.21 9.19 -3.24
N PRO A 286 -9.23 9.21 -4.12
CA PRO A 286 -9.06 8.58 -5.44
C PRO A 286 -7.79 9.07 -6.13
N PRO A 287 -7.14 8.22 -6.94
CA PRO A 287 -7.54 6.88 -7.40
C PRO A 287 -7.44 5.75 -6.37
N SER A 288 -7.13 6.07 -5.11
CA SER A 288 -7.13 5.07 -4.06
C SER A 288 -8.45 5.05 -3.29
N SER A 289 -8.86 3.87 -2.87
CA SER A 289 -10.12 3.70 -2.14
C SER A 289 -9.90 3.67 -0.63
N GLY A 290 -8.64 3.75 -0.22
CA GLY A 290 -8.28 3.62 1.18
C GLY A 290 -8.89 4.65 2.11
N GLY A 291 -8.53 5.91 1.92
CA GLY A 291 -8.96 6.98 2.80
C GLY A 291 -10.46 7.12 2.94
N VAL A 292 -11.15 7.22 1.80
CA VAL A 292 -12.59 7.43 1.77
C VAL A 292 -13.36 6.42 2.63
N PHE A 293 -13.05 5.15 2.45
CA PHE A 293 -13.82 4.09 3.10
C PHE A 293 -13.26 3.68 4.46
N MET A 294 -12.01 4.04 4.73
CA MET A 294 -11.49 3.92 6.10
C MET A 294 -12.22 4.94 6.96
N LEU A 295 -12.29 6.17 6.47
CA LEU A 295 -13.03 7.23 7.13
C LEU A 295 -14.51 6.88 7.22
N GLN A 296 -15.04 6.22 6.18
CA GLN A 296 -16.43 5.81 6.20
C GLN A 296 -16.69 4.77 7.28
N MET A 297 -15.79 3.80 7.40
CA MET A 297 -15.89 2.79 8.44
C MET A 297 -15.84 3.44 9.82
N LEU A 298 -14.94 4.40 9.98
CA LEU A 298 -14.83 5.16 11.22
C LEU A 298 -16.14 5.85 11.58
N LYS A 299 -16.68 6.62 10.64
CA LYS A 299 -17.94 7.33 10.85
C LYS A 299 -19.09 6.38 11.15
N LEU A 300 -19.10 5.23 10.48
CA LEU A 300 -20.15 4.25 10.65
C LEU A 300 -20.13 3.59 12.04
N ILE A 301 -18.92 3.28 12.52
CA ILE A 301 -18.82 2.54 13.78
C ILE A 301 -18.64 3.44 15.00
N ASP A 302 -18.47 4.74 14.76
CA ASP A 302 -18.20 5.68 15.85
C ASP A 302 -19.33 5.72 16.89
N ASP A 303 -20.57 5.75 16.42
CA ASP A 303 -21.73 5.93 17.30
C ASP A 303 -22.05 4.70 18.16
N PHE A 304 -21.47 3.56 17.81
CA PHE A 304 -21.71 2.34 18.56
C PHE A 304 -20.85 2.26 19.81
N HIS A 305 -19.81 3.10 19.85
CA HIS A 305 -18.91 3.17 21.00
C HIS A 305 -18.37 1.80 21.40
N LEU A 306 -17.38 1.31 20.65
CA LEU A 306 -16.88 -0.05 20.85
C LEU A 306 -16.12 -0.24 22.16
N SER A 307 -15.66 0.85 22.75
CA SER A 307 -14.95 0.80 24.03
C SER A 307 -15.83 0.18 25.11
N GLN A 308 -17.14 0.31 24.91
CA GLN A 308 -18.14 -0.31 25.77
C GLN A 308 -17.92 -1.81 25.94
N TYR A 309 -17.42 -2.45 24.88
CA TYR A 309 -17.22 -3.90 24.90
C TYR A 309 -15.74 -4.27 24.95
N ASP A 310 -15.47 -5.56 25.15
CA ASP A 310 -14.10 -6.05 25.28
C ASP A 310 -13.41 -6.18 23.92
N PRO A 311 -12.11 -5.86 23.86
CA PRO A 311 -11.30 -5.94 22.63
C PRO A 311 -11.27 -7.30 21.95
N LYS A 312 -11.86 -8.32 22.57
CA LYS A 312 -11.93 -9.65 21.97
C LYS A 312 -13.31 -10.26 22.15
N SER A 313 -14.31 -9.39 22.23
CA SER A 313 -15.69 -9.83 22.46
C SER A 313 -16.45 -10.03 21.15
N PHE A 314 -17.60 -10.68 21.25
CA PHE A 314 -18.47 -10.96 20.11
C PHE A 314 -18.95 -9.67 19.44
N GLU A 315 -19.37 -8.72 20.27
CA GLU A 315 -19.98 -7.48 19.81
C GLU A 315 -19.06 -6.69 18.88
N LYS A 316 -17.81 -6.50 19.31
CA LYS A 316 -16.84 -5.72 18.55
C LYS A 316 -16.59 -6.33 17.17
N TYR A 317 -16.26 -7.62 17.14
CA TYR A 317 -16.01 -8.34 15.90
C TYR A 317 -17.21 -8.27 14.96
N HIS A 318 -18.39 -8.56 15.51
CA HIS A 318 -19.63 -8.54 14.73
C HIS A 318 -19.87 -7.17 14.08
N LEU A 319 -19.81 -6.11 14.90
CA LEU A 319 -20.05 -4.76 14.40
C LEU A 319 -19.00 -4.37 13.36
N LEU A 320 -17.76 -4.77 13.58
CA LEU A 320 -16.69 -4.57 12.60
C LEU A 320 -17.08 -5.19 11.26
N ALA A 321 -17.49 -6.45 11.29
CA ALA A 321 -17.89 -7.16 10.08
C ALA A 321 -19.04 -6.47 9.36
N GLU A 322 -20.10 -6.17 10.11
CA GLU A 322 -21.28 -5.51 9.55
C GLU A 322 -20.93 -4.17 8.90
N THR A 323 -19.97 -3.47 9.48
CA THR A 323 -19.50 -2.20 8.92
C THR A 323 -18.73 -2.41 7.62
N MET A 324 -17.75 -3.30 7.69
CA MET A 324 -16.86 -3.58 6.56
C MET A 324 -17.65 -4.04 5.34
N HIS A 325 -18.69 -4.85 5.57
CA HIS A 325 -19.53 -5.30 4.46
C HIS A 325 -20.12 -4.12 3.69
N LEU A 326 -20.70 -3.17 4.41
CA LEU A 326 -21.27 -1.98 3.79
C LEU A 326 -20.22 -1.17 3.06
N SER A 327 -19.10 -0.90 3.73
CA SER A 327 -18.04 -0.08 3.13
C SER A 327 -17.47 -0.69 1.85
N TYR A 328 -17.15 -1.98 1.88
CA TYR A 328 -16.61 -2.63 0.69
C TYR A 328 -17.67 -2.77 -0.40
N ALA A 329 -18.93 -2.90 0.02
CA ALA A 329 -20.04 -2.92 -0.92
C ALA A 329 -20.08 -1.60 -1.71
N ASP A 330 -19.89 -0.49 -1.01
CA ASP A 330 -19.84 0.81 -1.67
C ASP A 330 -18.58 0.95 -2.54
N ARG A 331 -17.46 0.43 -2.04
CA ARG A 331 -16.20 0.49 -2.77
C ARG A 331 -16.27 -0.22 -4.11
N ALA A 332 -16.97 -1.35 -4.14
CA ALA A 332 -17.07 -2.15 -5.35
C ALA A 332 -17.90 -1.48 -6.43
N ALA A 333 -18.51 -0.34 -6.12
CA ALA A 333 -19.44 0.30 -7.04
C ALA A 333 -19.10 1.76 -7.35
N TYR A 334 -18.45 2.45 -6.42
CA TYR A 334 -18.29 3.90 -6.57
C TYR A 334 -16.85 4.41 -6.66
N ALA A 335 -15.87 3.50 -6.71
CA ALA A 335 -14.47 3.92 -6.65
C ALA A 335 -13.73 3.76 -7.98
N GLY A 336 -12.92 4.76 -8.32
CA GLY A 336 -12.13 4.74 -9.54
C GLY A 336 -11.32 6.02 -9.72
N ASP A 337 -10.57 6.08 -10.83
CA ASP A 337 -9.74 7.25 -11.14
C ASP A 337 -10.62 8.49 -11.35
N PRO A 338 -10.40 9.53 -10.52
CA PRO A 338 -11.20 10.75 -10.55
C PRO A 338 -11.03 11.54 -11.85
N GLU A 339 -9.97 11.29 -12.59
CA GLU A 339 -9.75 11.94 -13.87
C GLU A 339 -10.70 11.40 -14.93
N PHE A 340 -11.28 10.23 -14.65
CA PHE A 340 -12.12 9.55 -15.62
C PHE A 340 -13.56 9.41 -15.13
N VAL A 341 -13.74 9.06 -13.86
CA VAL A 341 -15.06 8.88 -13.29
C VAL A 341 -15.26 9.76 -12.06
N ASP A 342 -16.52 9.99 -11.70
CA ASP A 342 -16.85 10.82 -10.54
C ASP A 342 -17.17 9.97 -9.32
N VAL A 343 -16.30 10.06 -8.31
CA VAL A 343 -16.51 9.37 -7.05
C VAL A 343 -17.27 10.25 -6.07
N PRO A 344 -18.37 9.74 -5.51
CA PRO A 344 -19.21 10.52 -4.60
C PRO A 344 -18.69 10.60 -3.16
N LEU A 345 -17.52 11.22 -2.98
CA LEU A 345 -16.94 11.38 -1.66
C LEU A 345 -17.89 12.09 -0.72
N ARG A 346 -18.51 13.16 -1.22
CA ARG A 346 -19.33 14.05 -0.39
C ARG A 346 -20.53 13.30 0.19
N GLY A 347 -21.05 12.33 -0.56
CA GLY A 347 -22.19 11.55 -0.14
C GLY A 347 -21.80 10.30 0.63
N LEU A 348 -20.58 9.81 0.41
CA LEU A 348 -20.08 8.63 1.12
C LEU A 348 -19.73 8.96 2.57
N LEU A 349 -19.59 10.25 2.86
CA LEU A 349 -19.22 10.67 4.21
C LEU A 349 -20.25 11.62 4.81
N ASP A 350 -21.42 11.71 4.19
CA ASP A 350 -22.51 12.53 4.69
C ASP A 350 -23.10 11.93 5.96
N PRO A 351 -23.29 12.75 7.01
CA PRO A 351 -23.79 12.28 8.31
C PRO A 351 -25.15 11.59 8.23
N ASP A 352 -26.09 12.18 7.51
CA ASP A 352 -27.41 11.58 7.35
C ASP A 352 -27.34 10.27 6.57
N TYR A 353 -26.46 10.23 5.58
CA TYR A 353 -26.22 9.00 4.83
C TYR A 353 -25.61 7.94 5.74
N ILE A 354 -24.67 8.37 6.58
CA ILE A 354 -24.04 7.48 7.55
C ILE A 354 -25.10 6.87 8.47
N LYS A 355 -26.07 7.69 8.89
CA LYS A 355 -27.18 7.19 9.69
C LYS A 355 -28.03 6.18 8.92
N GLU A 356 -28.39 6.54 7.70
CA GLU A 356 -29.19 5.67 6.84
C GLU A 356 -28.55 4.30 6.67
N ARG A 357 -27.23 4.27 6.53
CA ARG A 357 -26.50 3.02 6.43
C ARG A 357 -26.41 2.33 7.79
N GLN A 358 -26.37 3.12 8.85
CA GLN A 358 -26.27 2.59 10.20
C GLN A 358 -27.56 1.91 10.63
N LYS A 359 -28.65 2.19 9.92
CA LYS A 359 -29.88 1.45 10.09
C LYS A 359 -29.68 -0.06 9.88
N LEU A 360 -28.75 -0.39 8.98
CA LEU A 360 -28.50 -1.78 8.62
C LEU A 360 -27.55 -2.49 9.60
N ILE A 361 -26.99 -1.72 10.54
CA ILE A 361 -26.08 -2.30 11.52
C ILE A 361 -26.75 -2.46 12.87
N SER A 362 -26.69 -3.67 13.43
CA SER A 362 -27.32 -3.97 14.70
C SER A 362 -26.66 -5.16 15.39
N LEU A 363 -26.85 -5.26 16.70
CA LEU A 363 -26.31 -6.37 17.47
C LEU A 363 -27.28 -7.54 17.51
N ASP A 364 -28.54 -7.29 17.13
CA ASP A 364 -29.59 -8.27 17.27
C ASP A 364 -29.83 -9.07 15.99
N SER A 365 -29.15 -8.68 14.91
CA SER A 365 -29.31 -9.39 13.63
C SER A 365 -28.11 -9.16 12.72
N MET A 366 -28.11 -9.86 11.59
CA MET A 366 -27.04 -9.73 10.60
C MET A 366 -27.62 -9.34 9.24
N ASN A 367 -26.99 -8.36 8.59
CA ASN A 367 -27.44 -7.91 7.28
C ASN A 367 -27.06 -8.91 6.17
N ARG A 368 -28.07 -9.56 5.59
CA ARG A 368 -27.82 -10.57 4.57
C ARG A 368 -27.90 -10.02 3.15
N ASP A 369 -28.47 -8.83 2.99
CA ASP A 369 -28.49 -8.19 1.69
C ASP A 369 -27.57 -6.97 1.74
N VAL A 370 -26.32 -7.18 1.36
CA VAL A 370 -25.29 -6.15 1.43
C VAL A 370 -25.07 -5.52 0.05
N LYS A 371 -25.96 -4.63 -0.34
CA LYS A 371 -25.78 -3.87 -1.57
C LYS A 371 -25.27 -2.47 -1.25
N GLU A 372 -24.64 -1.84 -2.23
CA GLU A 372 -24.11 -0.50 -2.04
C GLU A 372 -25.24 0.48 -1.79
N GLY A 373 -24.99 1.46 -0.93
CA GLY A 373 -25.96 2.49 -0.64
C GLY A 373 -26.08 3.47 -1.80
N ASP A 374 -26.90 4.49 -1.63
CA ASP A 374 -27.07 5.51 -2.66
C ASP A 374 -26.68 6.88 -2.12
N PRO A 375 -25.38 7.19 -2.14
CA PRO A 375 -24.86 8.47 -1.63
C PRO A 375 -25.22 9.64 -2.55
N TRP A 376 -25.55 9.32 -3.80
CA TRP A 376 -25.86 10.35 -4.80
C TRP A 376 -27.07 11.20 -4.42
N LYS A 377 -27.85 10.74 -3.44
CA LYS A 377 -28.96 11.54 -2.91
C LYS A 377 -28.43 12.83 -2.30
N TYR A 378 -27.35 12.70 -1.52
CA TYR A 378 -26.84 13.81 -0.73
C TYR A 378 -25.73 14.56 -1.47
N GLU A 379 -25.67 14.38 -2.79
CA GLU A 379 -24.58 14.92 -3.58
C GLU A 379 -24.99 15.40 -4.97
N GLU A 380 -24.48 16.56 -5.35
CA GLU A 380 -24.69 17.10 -6.69
C GLU A 380 -23.93 16.28 -7.73
N GLY A 381 -24.65 15.69 -8.67
CA GLY A 381 -24.02 14.95 -9.75
C GLY A 381 -24.70 13.64 -10.08
N GLU A 382 -24.08 12.88 -10.98
CA GLU A 382 -24.62 11.60 -11.42
C GLU A 382 -23.49 10.70 -11.90
N PRO A 383 -23.55 9.42 -11.54
CA PRO A 383 -22.54 8.45 -12.02
C PRO A 383 -22.53 8.32 -13.54
N ASN A 384 -21.39 8.56 -14.15
CA ASN A 384 -21.23 8.42 -15.60
C ASN A 384 -20.82 7.00 -15.97
N TYR A 385 -21.26 6.04 -15.18
CA TYR A 385 -20.93 4.63 -15.37
C TYR A 385 -22.05 3.76 -14.81
N GLU A 386 -21.80 2.47 -14.69
CA GLU A 386 -22.79 1.55 -14.15
C GLU A 386 -22.16 0.61 -13.14
N ILE A 387 -22.98 0.05 -12.26
CA ILE A 387 -22.49 -0.89 -11.26
C ILE A 387 -22.32 -2.28 -11.87
N VAL A 388 -21.08 -2.67 -12.11
CA VAL A 388 -20.78 -3.93 -12.77
C VAL A 388 -20.22 -4.97 -11.80
N PRO A 389 -20.98 -6.07 -11.60
CA PRO A 389 -20.57 -7.17 -10.72
C PRO A 389 -19.25 -7.80 -11.15
N GLN A 390 -18.39 -8.10 -10.18
CA GLN A 390 -17.09 -8.67 -10.46
C GLN A 390 -16.90 -10.01 -9.77
N PRO A 391 -16.31 -10.99 -10.47
CA PRO A 391 -15.96 -12.27 -9.85
C PRO A 391 -14.84 -12.06 -8.84
N GLU A 392 -14.79 -12.90 -7.81
CA GLU A 392 -13.85 -12.69 -6.72
C GLU A 392 -12.55 -13.48 -6.88
N ASP A 393 -12.14 -13.70 -8.14
CA ASP A 393 -10.87 -14.37 -8.40
C ASP A 393 -9.74 -13.36 -8.31
N LYS A 394 -9.38 -13.02 -7.08
CA LYS A 394 -8.26 -12.13 -6.83
C LYS A 394 -7.44 -12.68 -5.68
N THR A 395 -6.23 -13.17 -5.98
CA THR A 395 -5.24 -13.33 -4.93
C THR A 395 -5.07 -11.93 -4.34
N ILE A 396 -4.93 -11.80 -3.03
CA ILE A 396 -4.75 -10.45 -2.51
C ILE A 396 -3.26 -10.23 -2.39
N GLY A 397 -2.85 -9.10 -2.93
CA GLY A 397 -1.45 -8.77 -3.07
C GLY A 397 -0.87 -8.01 -1.90
N GLU A 398 0.45 -7.97 -1.83
CA GLU A 398 1.11 -7.37 -0.68
C GLU A 398 2.04 -6.27 -1.14
N ALA A 399 2.12 -5.20 -0.36
CA ALA A 399 2.97 -4.08 -0.69
C ALA A 399 4.00 -3.93 0.40
N THR A 400 4.52 -2.71 0.53
CA THR A 400 5.27 -2.35 1.71
C THR A 400 5.00 -0.90 2.11
N HIS A 401 4.91 -0.69 3.41
CA HIS A 401 4.68 0.64 3.96
C HIS A 401 5.80 1.01 4.90
N PHE A 402 6.23 2.27 4.85
CA PHE A 402 7.25 2.75 5.77
C PHE A 402 7.01 4.21 6.11
N THR A 403 7.66 4.67 7.18
CA THR A 403 7.48 6.05 7.62
C THR A 403 8.73 6.64 8.27
N VAL A 404 8.97 7.92 7.99
CA VAL A 404 10.16 8.63 8.46
C VAL A 404 9.79 9.96 9.11
N THR A 405 10.57 10.38 10.11
CA THR A 405 10.38 11.68 10.74
C THR A 405 11.72 12.29 11.15
N ASP A 406 11.88 13.58 10.90
CA ASP A 406 13.14 14.27 11.18
C ASP A 406 13.03 15.33 12.27
N GLN A 407 14.01 16.23 12.30
CA GLN A 407 14.11 17.25 13.34
C GLN A 407 13.49 18.57 12.92
N TRP A 408 12.92 18.61 11.72
CA TRP A 408 12.35 19.85 11.18
C TRP A 408 10.83 19.79 11.05
N GLY A 409 10.22 18.75 11.61
CA GLY A 409 8.78 18.62 11.58
C GLY A 409 8.24 18.00 10.31
N ASN A 410 9.14 17.58 9.42
CA ASN A 410 8.73 16.88 8.21
C ASN A 410 8.26 15.48 8.52
N VAL A 411 7.14 15.07 7.95
CA VAL A 411 6.59 13.75 8.22
C VAL A 411 6.35 12.96 6.93
N VAL A 412 6.97 11.79 6.82
CA VAL A 412 6.80 10.97 5.62
C VAL A 412 6.09 9.66 5.92
N SER A 413 5.00 9.41 5.19
CA SER A 413 4.28 8.15 5.26
C SER A 413 4.08 7.61 3.85
N TYR A 414 4.92 6.65 3.46
CA TYR A 414 4.92 6.16 2.08
C TYR A 414 4.46 4.71 2.01
N THR A 415 3.44 4.47 1.18
CA THR A 415 3.03 3.11 0.89
C THR A 415 3.31 2.81 -0.58
N THR A 416 4.30 1.96 -0.82
CA THR A 416 4.73 1.65 -2.18
C THR A 416 4.52 0.19 -2.53
N THR A 417 4.35 -0.08 -3.82
CA THR A 417 3.94 -1.40 -4.26
C THR A 417 4.26 -1.74 -5.71
N ILE A 418 4.58 -3.00 -5.93
CA ILE A 418 4.24 -3.68 -7.16
C ILE A 418 3.04 -4.50 -6.72
N GLU A 419 2.07 -4.66 -7.61
CA GLU A 419 0.73 -5.14 -7.23
C GLU A 419 0.75 -6.37 -6.34
N GLN A 420 1.57 -7.35 -6.71
CA GLN A 420 1.66 -8.59 -5.94
C GLN A 420 3.11 -8.98 -5.73
N LEU A 421 3.33 -10.07 -4.98
CA LEU A 421 4.68 -10.58 -4.75
C LEU A 421 5.38 -10.83 -6.09
N PHE A 422 6.44 -10.06 -6.31
CA PHE A 422 7.23 -10.09 -7.55
C PHE A 422 6.44 -9.59 -8.76
N GLY A 423 5.25 -9.05 -8.51
CA GLY A 423 4.39 -8.53 -9.56
C GLY A 423 4.02 -9.59 -10.58
N THR A 424 4.35 -9.33 -11.84
CA THR A 424 4.12 -10.31 -12.91
C THR A 424 5.11 -11.46 -12.79
N GLY A 425 6.25 -11.20 -12.16
CA GLY A 425 7.34 -12.15 -12.10
C GLY A 425 8.34 -11.85 -13.19
N ILE A 426 7.90 -11.05 -14.16
CA ILE A 426 8.74 -10.65 -15.29
C ILE A 426 9.93 -9.83 -14.82
N LEU A 427 11.12 -10.39 -14.98
CA LEU A 427 12.35 -9.67 -14.69
C LEU A 427 12.88 -9.04 -15.97
N VAL A 428 13.13 -7.74 -15.93
CA VAL A 428 13.70 -7.05 -17.09
C VAL A 428 15.08 -7.59 -17.38
N PRO A 429 15.24 -8.24 -18.55
CA PRO A 429 16.48 -8.95 -18.90
C PRO A 429 17.70 -8.04 -18.96
N GLY A 430 18.72 -8.38 -18.19
CA GLY A 430 19.95 -7.61 -18.17
C GLY A 430 19.92 -6.47 -17.16
N TYR A 431 18.75 -6.24 -16.57
CA TYR A 431 18.59 -5.14 -15.61
C TYR A 431 18.18 -5.65 -14.24
N GLY A 432 17.76 -6.91 -14.17
CA GLY A 432 17.39 -7.55 -12.92
C GLY A 432 16.29 -6.81 -12.17
N LEU A 433 15.29 -6.35 -12.90
CA LEU A 433 14.21 -5.54 -12.32
C LEU A 433 12.84 -6.17 -12.53
N PHE A 434 12.06 -6.25 -11.46
CA PHE A 434 10.72 -6.83 -11.54
C PHE A 434 9.68 -5.83 -12.03
N LEU A 435 8.77 -6.30 -12.88
CA LEU A 435 7.68 -5.46 -13.38
C LEU A 435 6.38 -5.78 -12.66
N ASN A 436 5.57 -4.76 -12.43
CA ASN A 436 4.32 -4.91 -11.71
C ASN A 436 3.19 -5.49 -12.55
N ASN A 437 2.11 -5.89 -11.89
CA ASN A 437 0.89 -6.28 -12.58
C ASN A 437 -0.28 -5.44 -12.08
N GLU A 438 0.02 -4.17 -11.84
CA GLU A 438 -0.90 -3.24 -11.18
C GLU A 438 -2.24 -3.07 -11.89
N LEU A 439 -2.23 -3.20 -13.22
CA LEU A 439 -3.43 -2.96 -14.01
C LEU A 439 -4.53 -3.99 -13.75
N THR A 440 -4.20 -5.07 -13.03
CA THR A 440 -5.19 -6.06 -12.65
C THR A 440 -6.12 -5.49 -11.57
N ASP A 441 -5.74 -4.36 -10.99
CA ASP A 441 -6.58 -3.68 -10.02
C ASP A 441 -7.84 -3.12 -10.68
N PHE A 442 -7.79 -3.01 -12.00
CA PHE A 442 -8.96 -2.66 -12.78
C PHE A 442 -10.02 -3.76 -12.71
N ASP A 443 -11.23 -3.43 -13.12
CA ASP A 443 -12.29 -4.43 -13.22
C ASP A 443 -12.11 -5.26 -14.49
N ALA A 444 -12.24 -6.57 -14.37
CA ALA A 444 -12.13 -7.45 -15.52
C ALA A 444 -13.27 -7.21 -16.50
N ILE A 445 -14.45 -6.95 -15.95
CA ILE A 445 -15.64 -6.67 -16.76
C ILE A 445 -15.89 -5.17 -16.84
N PRO A 446 -15.69 -4.58 -18.02
CA PRO A 446 -15.83 -3.13 -18.25
C PRO A 446 -17.22 -2.60 -17.96
N GLY A 447 -17.36 -1.28 -17.87
CA GLY A 447 -18.65 -0.66 -17.64
C GLY A 447 -18.70 0.09 -16.31
N GLY A 448 -17.90 -0.36 -15.36
CA GLY A 448 -17.89 0.23 -14.03
C GLY A 448 -16.95 1.41 -13.90
N ALA A 449 -16.79 1.90 -12.68
CA ALA A 449 -15.92 3.04 -12.42
C ALA A 449 -14.44 2.65 -12.49
N ASN A 450 -14.17 1.38 -12.21
CA ASN A 450 -12.81 0.87 -12.24
C ASN A 450 -12.55 0.01 -13.48
N GLU A 451 -13.09 0.43 -14.61
CA GLU A 451 -12.89 -0.29 -15.85
C GLU A 451 -11.53 0.06 -16.46
N VAL A 452 -10.97 -0.86 -17.25
CA VAL A 452 -9.71 -0.61 -17.91
C VAL A 452 -9.85 0.50 -18.94
N GLN A 453 -9.10 1.58 -18.76
CA GLN A 453 -9.03 2.64 -19.75
C GLN A 453 -7.58 3.02 -19.97
N PRO A 454 -7.26 3.43 -21.21
CA PRO A 454 -5.89 3.85 -21.54
C PRO A 454 -5.47 5.11 -20.79
N ASN A 455 -4.23 5.13 -20.32
CA ASN A 455 -3.68 6.23 -19.51
C ASN A 455 -4.40 6.42 -18.18
N LYS A 456 -5.30 5.49 -17.85
CA LYS A 456 -6.04 5.55 -16.61
C LYS A 456 -5.35 4.74 -15.53
N ARG A 457 -5.40 5.23 -14.29
CA ARG A 457 -4.79 4.55 -13.16
C ARG A 457 -5.79 3.61 -12.50
N PRO A 458 -5.36 2.36 -12.28
CA PRO A 458 -6.22 1.35 -11.62
C PRO A 458 -6.49 1.69 -10.16
N LEU A 459 -7.69 1.35 -9.69
CA LEU A 459 -8.10 1.61 -8.32
C LEU A 459 -7.21 0.90 -7.30
N SER A 460 -6.70 1.66 -6.33
CA SER A 460 -5.86 1.09 -5.29
C SER A 460 -6.60 1.03 -3.95
N SER A 461 -6.04 0.30 -3.00
CA SER A 461 -6.63 0.17 -1.68
C SER A 461 -5.68 0.68 -0.60
N MET A 462 -4.48 1.06 -1.03
CA MET A 462 -3.45 1.54 -0.11
C MET A 462 -3.93 2.76 0.69
N THR A 463 -3.45 2.88 1.92
CA THR A 463 -3.92 3.93 2.81
C THR A 463 -2.80 4.55 3.65
N PRO A 464 -1.91 5.33 3.02
CA PRO A 464 -0.97 6.11 3.81
C PRO A 464 -1.71 7.24 4.52
N THR A 465 -1.57 7.32 5.84
CA THR A 465 -2.43 8.20 6.62
C THR A 465 -1.66 8.90 7.74
N ILE A 466 -1.92 10.20 7.93
CA ILE A 466 -1.37 10.93 9.05
C ILE A 466 -2.47 11.54 9.91
N VAL A 467 -2.37 11.34 11.22
CA VAL A 467 -3.35 11.85 12.17
C VAL A 467 -2.80 13.07 12.92
N PHE A 468 -3.61 14.11 12.97
CA PHE A 468 -3.25 15.40 13.54
C PHE A 468 -4.08 15.77 14.76
N LYS A 469 -3.48 16.54 15.67
CA LYS A 469 -4.20 17.17 16.76
C LYS A 469 -3.83 18.66 16.80
N ASP A 470 -4.85 19.52 16.80
CA ASP A 470 -4.66 20.96 16.70
C ASP A 470 -3.88 21.30 15.43
N GLU A 471 -4.21 20.61 14.34
CA GLU A 471 -3.57 20.78 13.03
C GLU A 471 -2.05 20.58 13.08
N LYS A 472 -1.61 19.68 13.96
CA LYS A 472 -0.20 19.31 14.02
C LYS A 472 -0.06 17.79 14.12
N PRO A 473 0.86 17.21 13.34
CA PRO A 473 1.02 15.75 13.20
C PRO A 473 1.33 15.05 14.53
N VAL A 474 0.55 14.02 14.84
CA VAL A 474 0.78 13.25 16.05
C VAL A 474 0.93 11.75 15.78
N LEU A 475 0.37 11.27 14.67
CA LEU A 475 0.48 9.82 14.40
C LEU A 475 0.62 9.48 12.92
N THR A 476 1.27 8.36 12.64
CA THR A 476 1.39 7.84 11.28
C THR A 476 0.84 6.42 11.20
N VAL A 477 -0.13 6.21 10.32
CA VAL A 477 -0.72 4.89 10.14
C VAL A 477 -0.69 4.47 8.68
N GLY A 478 -0.28 3.23 8.43
CA GLY A 478 -0.24 2.70 7.09
C GLY A 478 -0.01 1.20 7.13
N SER A 479 -0.53 0.50 6.13
CA SER A 479 -0.39 -0.94 6.06
C SER A 479 -0.47 -1.43 4.61
N PRO A 480 0.17 -2.58 4.31
CA PRO A 480 0.06 -3.27 3.03
C PRO A 480 -0.90 -4.46 3.04
N GLY A 481 -1.24 -4.95 1.85
CA GLY A 481 -2.08 -6.12 1.74
C GLY A 481 -3.36 -5.89 0.94
N GLY A 482 -3.24 -5.11 -0.14
CA GLY A 482 -4.37 -4.85 -1.03
C GLY A 482 -5.63 -4.41 -0.34
N THR A 483 -6.75 -5.02 -0.70
CA THR A 483 -8.06 -4.62 -0.21
C THR A 483 -8.19 -4.68 1.32
N THR A 484 -7.37 -5.51 1.96
CA THR A 484 -7.41 -5.65 3.41
C THR A 484 -6.82 -4.44 4.14
N ILE A 485 -6.02 -3.66 3.43
CA ILE A 485 -5.35 -2.49 4.01
C ILE A 485 -6.31 -1.58 4.76
N ILE A 486 -7.42 -1.25 4.10
CA ILE A 486 -8.45 -0.39 4.69
C ILE A 486 -8.89 -0.92 6.05
N ALA A 487 -9.03 -2.23 6.16
CA ALA A 487 -9.44 -2.85 7.41
C ALA A 487 -8.32 -2.77 8.44
N SER A 488 -7.09 -2.96 7.98
CA SER A 488 -5.93 -2.95 8.86
C SER A 488 -5.70 -1.58 9.49
N VAL A 489 -5.73 -0.54 8.67
CA VAL A 489 -5.57 0.83 9.14
C VAL A 489 -6.69 1.19 10.12
N PHE A 490 -7.92 1.14 9.62
CA PHE A 490 -9.12 1.41 10.40
C PHE A 490 -9.04 0.83 11.81
N GLN A 491 -9.06 -0.50 11.90
CA GLN A 491 -8.94 -1.20 13.17
C GLN A 491 -7.83 -0.63 14.03
N THR A 492 -6.63 -0.52 13.45
CA THR A 492 -5.48 0.03 14.16
C THR A 492 -5.86 1.36 14.79
N ILE A 493 -6.30 2.29 13.94
CA ILE A 493 -6.70 3.62 14.39
C ILE A 493 -7.74 3.48 15.50
N LEU A 494 -8.74 2.63 15.24
CA LEU A 494 -9.79 2.37 16.22
C LEU A 494 -9.14 1.95 17.53
N ASN A 495 -8.31 0.91 17.46
CA ASN A 495 -7.68 0.35 18.65
C ASN A 495 -6.87 1.37 19.42
N TYR A 496 -6.47 2.45 18.74
CA TYR A 496 -5.62 3.45 19.38
C TYR A 496 -6.44 4.54 20.05
N PHE A 497 -7.63 4.83 19.53
CA PHE A 497 -8.37 5.98 20.01
C PHE A 497 -9.64 5.60 20.77
N GLU A 498 -10.45 4.73 20.17
CA GLU A 498 -11.66 4.26 20.83
C GLU A 498 -11.31 3.45 22.08
N TYR A 499 -10.28 2.60 21.96
CA TYR A 499 -9.87 1.74 23.05
C TYR A 499 -8.69 2.31 23.83
N GLY A 500 -8.05 3.33 23.26
CA GLY A 500 -6.95 4.01 23.92
C GLY A 500 -5.76 3.14 24.26
N MET A 501 -5.59 2.06 23.50
CA MET A 501 -4.45 1.15 23.70
C MET A 501 -3.15 1.84 23.34
N SER A 502 -2.03 1.25 23.74
CA SER A 502 -0.73 1.75 23.36
C SER A 502 -0.48 1.44 21.88
N LEU A 503 0.49 2.12 21.28
CA LEU A 503 0.76 2.00 19.85
C LEU A 503 1.05 0.56 19.44
N GLN A 504 2.01 -0.07 20.10
CA GLN A 504 2.37 -1.45 19.79
C GLN A 504 1.21 -2.39 20.08
N ASP A 505 0.46 -2.13 21.15
CA ASP A 505 -0.71 -2.93 21.49
C ASP A 505 -1.79 -2.76 20.44
N ALA A 506 -1.89 -1.55 19.89
CA ALA A 506 -2.88 -1.26 18.86
C ALA A 506 -2.52 -1.96 17.55
N ILE A 507 -1.23 -2.07 17.28
CA ILE A 507 -0.77 -2.76 16.08
C ILE A 507 -0.89 -4.27 16.21
N GLU A 508 -0.48 -4.81 17.35
CA GLU A 508 -0.44 -6.24 17.57
C GLU A 508 -1.82 -6.84 17.88
N GLU A 509 -2.78 -5.99 18.21
CA GLU A 509 -4.13 -6.46 18.48
C GLU A 509 -4.72 -7.12 17.24
N PRO A 510 -5.08 -8.40 17.35
CA PRO A 510 -5.58 -9.23 16.25
C PRO A 510 -6.64 -8.55 15.40
N ARG A 511 -6.51 -8.64 14.08
CA ARG A 511 -7.43 -7.98 13.17
C ARG A 511 -8.34 -8.97 12.45
N ILE A 512 -9.41 -8.45 11.86
CA ILE A 512 -10.29 -9.26 11.02
C ILE A 512 -10.55 -8.55 9.69
N TYR A 513 -11.08 -9.30 8.73
CA TYR A 513 -11.36 -8.73 7.41
C TYR A 513 -12.50 -9.47 6.72
N THR A 514 -13.37 -8.72 6.06
CA THR A 514 -14.44 -9.29 5.24
C THR A 514 -14.98 -8.25 4.27
N ASN A 515 -15.16 -8.66 3.01
CA ASN A 515 -15.68 -7.76 1.98
C ASN A 515 -17.00 -8.25 1.42
N SER A 516 -17.38 -9.47 1.81
CA SER A 516 -18.64 -10.05 1.36
C SER A 516 -19.13 -11.10 2.35
N LEU A 517 -20.26 -11.73 2.03
CA LEU A 517 -20.82 -12.78 2.88
C LEU A 517 -20.04 -14.08 2.72
N THR A 518 -19.10 -14.10 1.79
CA THR A 518 -18.34 -15.30 1.48
C THR A 518 -16.90 -15.23 1.98
N SER A 519 -16.31 -14.04 1.94
CA SER A 519 -14.91 -13.86 2.29
C SER A 519 -14.74 -13.39 3.73
N TYR A 520 -13.99 -14.17 4.51
CA TYR A 520 -13.71 -13.85 5.91
C TYR A 520 -12.28 -14.21 6.28
N ARG A 521 -11.63 -13.33 7.04
CA ARG A 521 -10.30 -13.60 7.57
C ARG A 521 -10.13 -13.12 8.99
N TYR A 522 -9.34 -13.83 9.78
CA TYR A 522 -9.07 -13.43 11.16
C TYR A 522 -7.64 -13.77 11.54
N GLU A 523 -7.01 -12.89 12.33
CA GLU A 523 -5.65 -13.13 12.81
C GLU A 523 -5.65 -14.02 14.03
N SER A 524 -4.52 -14.70 14.25
CA SER A 524 -4.34 -15.53 15.44
C SER A 524 -4.41 -14.66 16.69
N GLY A 525 -5.39 -14.94 17.54
CA GLY A 525 -5.59 -14.17 18.76
C GLY A 525 -7.06 -14.09 19.12
N MET A 526 -7.92 -14.36 18.16
CA MET A 526 -9.37 -14.38 18.39
C MET A 526 -9.77 -15.64 19.15
N PRO A 527 -10.52 -15.48 20.25
CA PRO A 527 -11.02 -16.59 21.06
C PRO A 527 -11.89 -17.54 20.23
N GLU A 528 -11.70 -18.84 20.41
CA GLU A 528 -12.37 -19.84 19.58
C GLU A 528 -13.89 -19.84 19.76
N ASP A 529 -14.34 -19.67 20.99
CA ASP A 529 -15.78 -19.67 21.28
C ASP A 529 -16.46 -18.46 20.65
N VAL A 530 -15.76 -17.32 20.65
CA VAL A 530 -16.28 -16.11 20.05
C VAL A 530 -16.40 -16.27 18.54
N ARG A 531 -15.40 -16.92 17.94
CA ARG A 531 -15.41 -17.20 16.51
C ARG A 531 -16.56 -18.14 16.16
N ARG A 532 -16.75 -19.16 17.00
CA ARG A 532 -17.80 -20.15 16.77
C ARG A 532 -19.18 -19.53 16.87
N LYS A 533 -19.38 -18.66 17.87
CA LYS A 533 -20.65 -17.97 18.01
C LYS A 533 -20.87 -17.00 16.85
N LEU A 534 -19.81 -16.34 16.42
CA LEU A 534 -19.85 -15.45 15.26
C LEU A 534 -20.35 -16.22 14.05
N ASN A 535 -19.83 -17.42 13.85
CA ASN A 535 -20.27 -18.28 12.77
C ASN A 535 -21.71 -18.75 12.96
N ASP A 536 -22.13 -18.90 14.22
CA ASP A 536 -23.50 -19.25 14.53
C ASP A 536 -24.45 -18.12 14.18
N PHE A 537 -23.92 -16.90 14.12
CA PHE A 537 -24.73 -15.72 13.85
C PHE A 537 -24.88 -15.47 12.36
N GLY A 538 -24.12 -16.22 11.55
CA GLY A 538 -24.22 -16.11 10.11
C GLY A 538 -22.92 -15.73 9.42
N HIS A 539 -21.83 -15.66 10.19
CA HIS A 539 -20.52 -15.35 9.64
C HIS A 539 -19.82 -16.62 9.17
N LYS A 540 -18.79 -16.45 8.33
CA LYS A 540 -18.11 -17.59 7.74
C LYS A 540 -16.60 -17.55 7.98
N PHE A 541 -16.20 -17.49 9.25
CA PHE A 541 -14.78 -17.51 9.59
C PHE A 541 -14.20 -18.90 9.41
N GLY A 542 -13.03 -18.96 8.76
CA GLY A 542 -12.42 -20.24 8.42
C GLY A 542 -11.86 -21.01 9.59
N SER A 543 -11.11 -22.06 9.29
CA SER A 543 -10.54 -22.94 10.30
C SER A 543 -9.24 -22.40 10.87
N ASN A 544 -8.38 -21.90 10.00
CA ASN A 544 -7.06 -21.41 10.41
C ASN A 544 -6.89 -19.91 10.15
N PRO A 545 -6.12 -19.24 11.02
CA PRO A 545 -5.89 -17.80 10.91
C PRO A 545 -4.76 -17.44 9.96
N VAL A 546 -4.80 -16.22 9.43
CA VAL A 546 -3.73 -15.70 8.59
C VAL A 546 -3.30 -14.33 9.06
N ASP A 547 -2.10 -13.91 8.68
CA ASP A 547 -1.64 -12.56 8.98
C ASP A 547 -2.39 -11.54 8.14
N ILE A 548 -2.84 -10.46 8.77
CA ILE A 548 -3.53 -9.40 8.04
C ILE A 548 -2.79 -8.08 8.16
N GLY A 549 -2.12 -7.69 7.08
CA GLY A 549 -1.40 -6.42 7.04
C GLY A 549 -0.10 -6.43 7.81
N ASN A 550 0.57 -5.27 7.80
CA ASN A 550 1.85 -5.10 8.48
C ASN A 550 2.10 -3.63 8.76
N VAL A 551 1.69 -3.17 9.94
CA VAL A 551 1.69 -1.75 10.26
C VAL A 551 2.99 -1.26 10.88
N GLN A 552 3.63 -0.28 10.24
CA GLN A 552 4.74 0.46 10.83
C GLN A 552 4.26 1.86 11.19
N SER A 553 4.54 2.30 12.41
CA SER A 553 4.00 3.57 12.89
C SER A 553 4.99 4.39 13.70
N ILE A 554 4.83 5.71 13.63
CA ILE A 554 5.63 6.65 14.41
C ILE A 554 4.73 7.64 15.16
N PHE A 555 4.82 7.62 16.49
CA PHE A 555 4.10 8.55 17.34
C PHE A 555 4.97 9.75 17.71
N ILE A 556 4.40 10.94 17.60
CA ILE A 556 5.13 12.17 17.87
C ILE A 556 4.75 12.74 19.23
N ASP A 557 5.65 12.58 20.20
CA ASP A 557 5.42 13.10 21.55
C ASP A 557 6.12 14.45 21.72
N ARG A 558 5.39 15.52 21.43
CA ARG A 558 5.96 16.87 21.48
C ARG A 558 6.14 17.35 22.93
N GLU A 559 5.27 16.88 23.82
CA GLU A 559 5.33 17.30 25.21
C GLU A 559 6.52 16.64 25.93
N ASN A 560 7.10 15.63 25.28
CA ASN A 560 8.32 15.01 25.78
C ASN A 560 9.45 15.14 24.77
N LYS A 561 9.15 15.81 23.66
CA LYS A 561 10.12 16.11 22.61
C LYS A 561 10.83 14.87 22.07
N THR A 562 10.07 13.79 21.87
CA THR A 562 10.63 12.55 21.36
C THR A 562 9.73 11.88 20.31
N PHE A 563 10.32 10.98 19.53
CA PHE A 563 9.58 10.16 18.58
C PHE A 563 9.59 8.70 19.02
N MET A 564 8.47 8.01 18.82
CA MET A 564 8.38 6.59 19.14
C MET A 564 8.08 5.77 17.88
N GLY A 565 8.89 4.75 17.63
CA GLY A 565 8.73 3.92 16.45
C GLY A 565 8.36 2.49 16.77
N VAL A 566 7.34 1.98 16.07
CA VAL A 566 6.91 0.60 16.25
C VAL A 566 6.70 -0.12 14.91
N ALA A 567 7.26 -1.32 14.79
CA ALA A 567 7.08 -2.13 13.60
C ALA A 567 6.29 -3.40 13.92
N ASP A 568 5.39 -3.78 13.01
CA ASP A 568 4.55 -4.94 13.20
C ASP A 568 5.36 -6.23 13.29
N SER A 569 4.90 -7.17 14.11
CA SER A 569 5.60 -8.43 14.31
C SER A 569 5.29 -9.42 13.20
N SER A 570 4.37 -9.05 12.31
CA SER A 570 3.99 -9.92 11.20
C SER A 570 5.17 -10.19 10.27
N ARG A 571 6.11 -9.24 10.23
CA ARG A 571 7.33 -9.43 9.45
C ARG A 571 8.56 -9.10 10.29
N ASN A 572 9.71 -8.99 9.61
CA ASN A 572 10.95 -8.61 10.27
C ASN A 572 11.17 -7.10 10.20
N GLY A 573 10.11 -6.34 10.42
CA GLY A 573 10.18 -4.89 10.41
C GLY A 573 11.09 -4.36 11.50
N THR A 574 11.48 -3.09 11.37
CA THR A 574 12.40 -2.49 12.31
C THR A 574 12.14 -1.00 12.49
N ALA A 575 12.26 -0.54 13.73
CA ALA A 575 12.21 0.88 14.06
C ALA A 575 13.54 1.32 14.65
N VAL A 576 14.10 2.40 14.10
CA VAL A 576 15.38 2.93 14.55
C VAL A 576 15.28 4.43 14.84
N GLY A 577 15.75 4.82 16.02
CA GLY A 577 15.74 6.23 16.42
C GLY A 577 17.06 6.91 16.14
N VAL A 578 17.03 8.23 16.03
CA VAL A 578 18.23 9.01 15.73
C VAL A 578 18.43 10.16 16.72
N ASN A 579 19.57 10.14 17.41
CA ASN A 579 19.91 11.19 18.37
C ASN A 579 21.19 11.92 17.98
N ILE A 580 21.05 13.19 17.59
CA ILE A 580 22.20 13.96 17.11
C ILE A 580 22.67 14.98 18.12
N LYS A 581 23.95 14.91 18.43
CA LYS A 581 24.61 15.81 19.35
C LYS A 581 24.68 17.16 18.69
N THR A 582 24.74 18.22 19.49
CA THR A 582 25.00 19.56 18.96
C THR A 582 26.38 19.53 18.30
N SER A 583 26.70 20.56 17.52
CA SER A 583 27.94 20.57 16.72
C SER A 583 27.99 19.36 15.77
N ALA A 584 26.82 18.84 15.41
CA ALA A 584 26.73 17.69 14.51
C ALA A 584 25.45 17.73 13.70
#